data_4L7F
#
_entry.id   4L7F
#
_cell.length_a   135.802
_cell.length_b   135.802
_cell.length_c   94.208
_cell.angle_alpha   90.000
_cell.angle_beta   90.000
_cell.angle_gamma   120.000
#
_symmetry.space_group_name_H-M   'H 3'
#
loop_
_entity.id
_entity.type
_entity.pdbx_description
1 polymer 'Mitogen-activated protein kinase 8'
2 non-polymer N-[1-(4-fluorophenyl)cyclopropyl]-4-[(trans-4-hydroxycyclohexyl)amino]imidazo[1,2-a]quinoxaline-8-carboxamide
3 water water
#
_entity_poly.entity_id   1
_entity_poly.type   'polypeptide(L)'
_entity_poly.pdbx_seq_one_letter_code
;SLDNNFYSVEIGDSTFTVLKRYQNLKPIGSGAQGIVCAAYDAILERNVAIKKLSRPFQNQTHAKRAYRELVLMKCVNHKN
IIGLLNVFTPQKSLEEFQDVYIVMELMDANLCQVIQMELDHERMSYLLYQMLCGIKHLHSAGIIHRDLKPSNIVVKSDCT
LKILDFGLARTAGTSFMMTPYVVTRYYRAPEVILGMGYKENVDLWSVGCIMGEMVCHKILFPGRDYIDQWNKVIEQLGTP
CPEFMKKLQPTVRTYVENRPKYAGYSFEKLFPDVLFPADSEHNKLKASQARDLLSKMLVIDASKRISVDEALQHPYINVW
YDPSEAEAPPPKIPDKQLDEREHTIEEWKELIYKEVMDWRKGIITIT
;
_entity_poly.pdbx_strand_id   A
#
# COMPACT_ATOMS: atom_id res chain seq x y z
N SER A 1 -16.81 -8.99 -31.08
CA SER A 1 -17.33 -7.80 -30.34
C SER A 1 -16.10 -7.11 -29.73
N LEU A 2 -16.31 -5.91 -29.18
CA LEU A 2 -15.24 -5.20 -28.45
C LEU A 2 -14.80 -6.01 -27.21
N ASP A 3 -15.69 -6.87 -26.72
CA ASP A 3 -15.39 -7.68 -25.52
C ASP A 3 -14.68 -9.03 -25.76
N ASN A 4 -14.54 -9.44 -27.02
CA ASN A 4 -13.86 -10.73 -27.30
C ASN A 4 -12.75 -10.71 -28.33
N ASN A 5 -12.60 -9.59 -29.04
CA ASN A 5 -11.47 -9.43 -29.96
C ASN A 5 -10.30 -8.71 -29.29
N PHE A 6 -9.08 -9.17 -29.59
CA PHE A 6 -7.85 -8.58 -29.09
C PHE A 6 -7.13 -7.78 -30.17
N TYR A 7 -6.29 -6.82 -29.75
CA TYR A 7 -5.34 -6.16 -30.65
C TYR A 7 -4.07 -5.89 -29.84
N SER A 8 -2.98 -5.56 -30.52
CA SER A 8 -1.70 -5.39 -29.87
C SER A 8 -1.19 -3.98 -30.10
N VAL A 9 -0.59 -3.40 -29.07
CA VAL A 9 0.08 -2.10 -29.17
C VAL A 9 1.44 -2.19 -28.49
N GLU A 10 2.44 -1.52 -29.07
CA GLU A 10 3.76 -1.42 -28.47
CA GLU A 10 3.75 -1.42 -28.43
C GLU A 10 3.74 -0.27 -27.44
N ILE A 11 4.17 -0.57 -26.22
CA ILE A 11 4.27 0.42 -25.15
C ILE A 11 5.69 0.29 -24.69
N GLY A 12 6.54 1.22 -25.15
CA GLY A 12 7.98 1.12 -24.96
C GLY A 12 8.51 -0.15 -25.61
N ASP A 13 9.20 -0.96 -24.82
CA ASP A 13 9.79 -2.22 -25.29
C ASP A 13 8.89 -3.43 -25.09
N SER A 14 7.64 -3.20 -24.66
CA SER A 14 6.70 -4.28 -24.42
C SER A 14 5.45 -4.20 -25.29
N THR A 15 4.84 -5.37 -25.50
CA THR A 15 3.62 -5.48 -26.29
C THR A 15 2.45 -5.64 -25.32
N PHE A 16 1.44 -4.80 -25.48
CA PHE A 16 0.20 -4.91 -24.72
C PHE A 16 -0.82 -5.53 -25.64
N THR A 17 -1.38 -6.67 -25.24
CA THR A 17 -2.40 -7.32 -26.08
C THR A 17 -3.70 -7.37 -25.28
N VAL A 18 -4.66 -6.55 -25.67
CA VAL A 18 -5.84 -6.32 -24.85
C VAL A 18 -7.08 -6.35 -25.71
N LEU A 19 -8.25 -6.46 -25.08
CA LEU A 19 -9.55 -6.41 -25.73
C LEU A 19 -9.75 -5.08 -26.44
N LYS A 20 -10.41 -5.12 -27.60
CA LYS A 20 -10.61 -3.91 -28.39
C LYS A 20 -11.46 -2.87 -27.69
N ARG A 21 -12.19 -3.27 -26.64
CA ARG A 21 -12.95 -2.30 -25.85
C ARG A 21 -12.02 -1.25 -25.22
N TYR A 22 -10.74 -1.60 -25.07
CA TYR A 22 -9.76 -0.72 -24.40
C TYR A 22 -8.97 0.05 -25.43
N GLN A 23 -9.19 1.35 -25.47
CA GLN A 23 -8.69 2.20 -26.54
C GLN A 23 -7.74 3.30 -26.07
N ASN A 24 -6.88 3.74 -27.00
CA ASN A 24 -5.96 4.88 -26.78
C ASN A 24 -5.11 4.69 -25.54
N LEU A 25 -4.35 3.60 -25.53
CA LEU A 25 -3.53 3.22 -24.38
C LEU A 25 -2.33 4.17 -24.25
N LYS A 26 -2.11 4.62 -23.02
CA LYS A 26 -1.03 5.55 -22.70
C LYS A 26 -0.36 5.07 -21.42
N PRO A 27 0.96 4.87 -21.44
CA PRO A 27 1.68 4.44 -20.24
C PRO A 27 1.54 5.42 -19.06
N ILE A 28 1.32 4.87 -17.87
N ILE A 28 1.31 4.89 -17.88
CA ILE A 28 1.19 5.62 -16.60
CA ILE A 28 1.37 5.67 -16.65
C ILE A 28 2.04 5.00 -15.46
C ILE A 28 2.69 5.30 -16.00
N GLY A 29 2.84 3.99 -15.82
CA GLY A 29 3.86 3.37 -14.97
C GLY A 29 4.08 1.99 -15.61
N SER A 30 4.82 1.09 -14.99
CA SER A 30 5.57 1.33 -13.76
C SER A 30 6.94 0.66 -13.93
N GLY A 31 7.55 0.24 -12.82
CA GLY A 31 8.76 -0.57 -12.86
C GLY A 31 8.70 -1.75 -11.92
N ALA A 32 9.59 -2.72 -12.13
CA ALA A 32 9.80 -3.90 -11.26
C ALA A 32 8.85 -5.08 -11.49
N GLN A 33 7.55 -4.82 -11.46
CA GLN A 33 6.57 -5.91 -11.58
C GLN A 33 5.70 -5.82 -12.83
N GLY A 34 5.74 -4.68 -13.52
CA GLY A 34 5.07 -4.53 -14.82
C GLY A 34 4.72 -3.11 -15.21
N ILE A 35 3.94 -3.02 -16.29
CA ILE A 35 3.57 -1.76 -16.94
C ILE A 35 2.08 -1.54 -16.73
N VAL A 36 1.71 -0.28 -16.52
CA VAL A 36 0.34 0.13 -16.32
C VAL A 36 -0.01 1.23 -17.31
N CYS A 37 -1.11 1.06 -18.04
CA CYS A 37 -1.57 2.04 -19.01
C CYS A 37 -2.92 2.56 -18.62
N ALA A 38 -3.17 3.83 -18.94
CA ALA A 38 -4.50 4.38 -18.94
C ALA A 38 -5.11 4.04 -20.30
N ALA A 39 -6.42 3.85 -20.31
CA ALA A 39 -7.17 3.58 -21.55
C ALA A 39 -8.57 4.06 -21.40
N TYR A 40 -9.24 4.28 -22.53
CA TYR A 40 -10.67 4.50 -22.55
C TYR A 40 -11.40 3.15 -22.76
N ASP A 41 -12.36 2.86 -21.89
CA ASP A 41 -13.19 1.65 -22.00
C ASP A 41 -14.48 2.01 -22.73
N ALA A 42 -14.54 1.63 -24.00
CA ALA A 42 -15.61 2.04 -24.91
C ALA A 42 -16.93 1.37 -24.57
N ILE A 43 -16.89 0.29 -23.79
CA ILE A 43 -18.11 -0.36 -23.34
C ILE A 43 -18.64 0.34 -22.10
N LEU A 44 -17.77 0.56 -21.11
CA LEU A 44 -18.18 1.22 -19.89
C LEU A 44 -18.32 2.73 -20.10
N GLU A 45 -17.76 3.23 -21.19
CA GLU A 45 -17.68 4.66 -21.49
C GLU A 45 -16.99 5.43 -20.36
N ARG A 46 -15.83 4.94 -19.96
CA ARG A 46 -15.00 5.63 -18.97
C ARG A 46 -13.58 5.13 -18.98
N ASN A 47 -12.72 5.83 -18.24
CA ASN A 47 -11.33 5.55 -18.27
C ASN A 47 -10.95 4.50 -17.25
N VAL A 48 -9.93 3.73 -17.59
CA VAL A 48 -9.49 2.63 -16.76
C VAL A 48 -7.98 2.62 -16.75
N ALA A 49 -7.42 1.91 -15.77
CA ALA A 49 -6.02 1.56 -15.71
C ALA A 49 -5.88 0.07 -16.01
N ILE A 50 -4.94 -0.28 -16.86
CA ILE A 50 -4.70 -1.67 -17.23
C ILE A 50 -3.27 -2.04 -16.93
N LYS A 51 -3.09 -3.00 -16.02
CA LYS A 51 -1.74 -3.47 -15.79
C LYS A 51 -1.48 -4.86 -16.36
N LYS A 52 -0.32 -5.00 -16.97
CA LYS A 52 0.15 -6.29 -17.49
C LYS A 52 1.15 -6.88 -16.50
N LEU A 53 0.82 -8.05 -15.95
CA LEU A 53 1.79 -8.85 -15.19
C LEU A 53 2.39 -9.87 -16.16
N SER A 54 3.67 -9.69 -16.46
CA SER A 54 4.39 -10.58 -17.36
CA SER A 54 4.41 -10.57 -17.36
C SER A 54 4.94 -11.80 -16.63
N ARG A 55 4.50 -12.99 -17.07
CA ARG A 55 4.94 -14.26 -16.47
C ARG A 55 4.96 -14.21 -14.95
N PRO A 56 3.80 -13.96 -14.32
CA PRO A 56 3.79 -13.83 -12.86
C PRO A 56 4.23 -15.10 -12.12
N PHE A 57 4.30 -16.23 -12.83
CA PHE A 57 4.68 -17.52 -12.24
C PHE A 57 6.19 -17.78 -12.34
N GLN A 58 6.93 -16.81 -12.89
CA GLN A 58 8.38 -16.93 -13.13
CA GLN A 58 8.38 -16.91 -13.13
C GLN A 58 9.19 -17.36 -11.91
N ASN A 59 8.75 -16.96 -10.73
CA ASN A 59 9.33 -17.46 -9.49
C ASN A 59 8.32 -17.39 -8.36
N GLN A 60 8.62 -18.06 -7.25
CA GLN A 60 7.76 -18.13 -6.08
C GLN A 60 7.24 -16.79 -5.62
N THR A 61 8.09 -15.77 -5.68
CA THR A 61 7.78 -14.46 -5.12
C THR A 61 6.81 -13.67 -6.00
N HIS A 62 7.10 -13.57 -7.29
CA HIS A 62 6.16 -13.00 -8.24
C HIS A 62 4.84 -13.77 -8.19
N ALA A 63 4.92 -15.10 -8.11
CA ALA A 63 3.74 -15.95 -8.21
C ALA A 63 2.80 -15.73 -7.06
N LYS A 64 3.32 -15.87 -5.85
CA LYS A 64 2.54 -15.72 -4.63
C LYS A 64 1.92 -14.32 -4.56
N ARG A 65 2.64 -13.34 -5.11
CA ARG A 65 2.16 -11.96 -5.18
CA ARG A 65 2.16 -11.95 -5.17
C ARG A 65 1.01 -11.77 -6.16
N ALA A 66 1.18 -12.29 -7.38
CA ALA A 66 0.15 -12.20 -8.40
C ALA A 66 -1.11 -12.90 -7.91
N TYR A 67 -0.92 -14.07 -7.32
CA TYR A 67 -2.05 -14.86 -6.86
C TYR A 67 -2.83 -14.14 -5.76
N ARG A 68 -2.12 -13.60 -4.76
CA ARG A 68 -2.76 -12.87 -3.67
CA ARG A 68 -2.74 -12.84 -3.66
C ARG A 68 -3.51 -11.63 -4.20
N GLU A 69 -2.90 -10.94 -5.15
CA GLU A 69 -3.51 -9.78 -5.76
C GLU A 69 -4.83 -10.12 -6.47
N LEU A 70 -4.80 -11.15 -7.32
CA LEU A 70 -6.03 -11.60 -7.99
C LEU A 70 -7.14 -12.00 -7.03
N VAL A 71 -6.80 -12.81 -6.03
CA VAL A 71 -7.80 -13.31 -5.10
C VAL A 71 -8.38 -12.17 -4.27
N LEU A 72 -7.50 -11.33 -3.73
CA LEU A 72 -7.97 -10.23 -2.87
C LEU A 72 -8.68 -9.14 -3.64
N MET A 73 -8.17 -8.75 -4.80
CA MET A 73 -8.90 -7.73 -5.54
C MET A 73 -10.32 -8.18 -5.84
N LYS A 74 -10.47 -9.46 -6.19
CA LYS A 74 -11.79 -10.02 -6.45
C LYS A 74 -12.74 -10.06 -5.23
N CYS A 75 -12.29 -10.57 -4.08
CA CYS A 75 -13.23 -10.71 -2.96
C CYS A 75 -13.47 -9.41 -2.17
N VAL A 76 -12.50 -8.51 -2.19
CA VAL A 76 -12.72 -7.18 -1.55
C VAL A 76 -13.60 -6.25 -2.37
N ASN A 77 -14.55 -5.62 -1.69
CA ASN A 77 -15.30 -4.51 -2.30
C ASN A 77 -15.44 -3.39 -1.27
N HIS A 78 -14.52 -2.44 -1.28
CA HIS A 78 -14.46 -1.40 -0.25
C HIS A 78 -13.97 -0.11 -0.88
N LYS A 79 -14.58 0.99 -0.42
CA LYS A 79 -14.24 2.36 -0.78
C LYS A 79 -12.73 2.60 -0.89
N ASN A 80 -11.97 2.04 0.05
CA ASN A 80 -10.57 2.43 0.14
C ASN A 80 -9.58 1.37 -0.38
N ILE A 81 -10.09 0.40 -1.14
CA ILE A 81 -9.24 -0.60 -1.78
C ILE A 81 -9.59 -0.63 -3.29
N ILE A 82 -8.57 -0.59 -4.14
CA ILE A 82 -8.83 -0.53 -5.58
C ILE A 82 -9.65 -1.79 -5.99
N GLY A 83 -10.69 -1.55 -6.77
CA GLY A 83 -11.57 -2.63 -7.20
C GLY A 83 -11.10 -3.28 -8.48
N LEU A 84 -11.64 -4.48 -8.75
CA LEU A 84 -11.23 -5.22 -9.95
C LEU A 84 -12.34 -5.13 -11.00
N LEU A 85 -12.08 -4.46 -12.12
CA LEU A 85 -13.12 -4.37 -13.17
C LEU A 85 -13.14 -5.58 -14.12
N ASN A 86 -11.94 -6.12 -14.40
CA ASN A 86 -11.80 -7.18 -15.43
C ASN A 86 -10.43 -7.82 -15.24
N VAL A 87 -10.32 -9.10 -15.59
CA VAL A 87 -9.03 -9.78 -15.65
CA VAL A 87 -9.03 -9.80 -15.65
C VAL A 87 -9.05 -10.72 -16.88
N PHE A 88 -7.96 -10.80 -17.60
CA PHE A 88 -7.94 -11.67 -18.80
C PHE A 88 -6.53 -12.05 -19.15
N THR A 89 -6.42 -13.11 -19.94
CA THR A 89 -5.16 -13.41 -20.62
C THR A 89 -5.47 -13.55 -22.11
N PRO A 90 -4.57 -13.06 -22.97
CA PRO A 90 -4.74 -13.31 -24.40
C PRO A 90 -4.33 -14.71 -24.84
N GLN A 91 -3.58 -15.44 -24.00
CA GLN A 91 -3.08 -16.76 -24.43
C GLN A 91 -4.16 -17.82 -24.20
N LYS A 92 -4.17 -18.87 -25.02
CA LYS A 92 -5.34 -19.74 -25.14
C LYS A 92 -5.18 -21.11 -24.48
N SER A 93 -4.12 -21.27 -23.69
CA SER A 93 -3.93 -22.53 -22.97
C SER A 93 -2.97 -22.36 -21.82
N LEU A 94 -3.05 -23.28 -20.85
CA LEU A 94 -2.06 -23.34 -19.78
C LEU A 94 -0.64 -23.40 -20.36
N GLU A 95 -0.41 -24.26 -21.38
CA GLU A 95 0.92 -24.40 -22.04
CA GLU A 95 0.93 -24.38 -21.97
C GLU A 95 1.44 -23.05 -22.56
N GLU A 96 0.54 -22.30 -23.20
CA GLU A 96 0.90 -21.04 -23.82
C GLU A 96 0.84 -19.81 -22.88
N PHE A 97 0.23 -19.97 -21.71
CA PHE A 97 -0.06 -18.88 -20.77
C PHE A 97 1.22 -18.10 -20.42
N GLN A 98 1.19 -16.80 -20.63
CA GLN A 98 2.31 -15.89 -20.28
C GLN A 98 1.87 -14.73 -19.37
N ASP A 99 0.83 -14.02 -19.78
CA ASP A 99 0.52 -12.70 -19.21
C ASP A 99 -0.89 -12.62 -18.66
N VAL A 100 -1.03 -11.85 -17.59
CA VAL A 100 -2.31 -11.57 -16.96
C VAL A 100 -2.51 -10.07 -17.00
N TYR A 101 -3.68 -9.65 -17.44
CA TYR A 101 -4.03 -8.23 -17.44
C TYR A 101 -5.11 -7.95 -16.43
N ILE A 102 -4.90 -6.92 -15.61
CA ILE A 102 -5.88 -6.56 -14.60
C ILE A 102 -6.34 -5.12 -14.90
N VAL A 103 -7.65 -4.93 -14.89
CA VAL A 103 -8.30 -3.67 -15.22
C VAL A 103 -8.95 -3.07 -13.99
N MET A 104 -8.65 -1.78 -13.73
CA MET A 104 -9.20 -1.06 -12.56
C MET A 104 -9.77 0.25 -13.04
N GLU A 105 -10.66 0.87 -12.27
CA GLU A 105 -11.14 2.22 -12.60
CA GLU A 105 -11.14 2.22 -12.60
C GLU A 105 -9.95 3.20 -12.51
N LEU A 106 -9.87 4.15 -13.44
CA LEU A 106 -8.73 5.06 -13.45
C LEU A 106 -8.88 6.14 -12.39
N MET A 107 -7.82 6.32 -11.59
CA MET A 107 -7.81 7.40 -10.60
C MET A 107 -6.89 8.52 -11.09
N ASP A 108 -7.25 9.74 -10.72
CA ASP A 108 -6.64 10.96 -11.22
CA ASP A 108 -6.58 10.90 -11.33
C ASP A 108 -5.19 11.21 -10.78
N ALA A 109 -4.87 10.76 -9.57
CA ALA A 109 -3.55 11.11 -9.01
C ALA A 109 -3.05 9.95 -8.21
N ASN A 110 -1.75 9.95 -7.91
CA ASN A 110 -1.26 9.08 -6.87
C ASN A 110 -0.87 9.89 -5.61
N LEU A 111 -0.68 9.20 -4.51
CA LEU A 111 -0.42 9.90 -3.24
C LEU A 111 0.93 10.61 -3.22
N CYS A 112 1.95 10.11 -3.93
CA CYS A 112 3.20 10.87 -4.06
C CYS A 112 2.91 12.28 -4.58
N GLN A 113 2.07 12.39 -5.59
CA GLN A 113 1.77 13.70 -6.18
C GLN A 113 0.99 14.57 -5.19
N VAL A 114 0.05 13.96 -4.47
CA VAL A 114 -0.78 14.68 -3.49
C VAL A 114 0.05 15.20 -2.31
N ILE A 115 0.98 14.37 -1.83
CA ILE A 115 1.92 14.75 -0.76
C ILE A 115 2.73 16.00 -1.10
N GLN A 116 3.05 16.20 -2.39
CA GLN A 116 3.83 17.36 -2.81
CA GLN A 116 3.82 17.37 -2.84
C GLN A 116 3.02 18.66 -2.78
N MET A 117 1.70 18.55 -2.69
CA MET A 117 0.83 19.75 -2.62
C MET A 117 0.93 20.45 -1.27
N GLU A 118 0.52 21.72 -1.22
CA GLU A 118 0.37 22.39 0.06
CA GLU A 118 0.35 22.43 0.05
C GLU A 118 -1.02 22.05 0.58
N LEU A 119 -1.07 21.08 1.49
CA LEU A 119 -2.35 20.57 1.97
C LEU A 119 -2.80 21.34 3.22
N ASP A 120 -4.07 21.14 3.59
CA ASP A 120 -4.58 21.72 4.83
C ASP A 120 -4.86 20.58 5.79
N HIS A 121 -5.14 20.90 7.05
CA HIS A 121 -5.46 19.85 8.01
C HIS A 121 -6.65 19.01 7.54
N GLU A 122 -7.67 19.64 6.95
CA GLU A 122 -8.87 18.90 6.55
C GLU A 122 -8.53 17.73 5.61
N ARG A 123 -7.79 18.02 4.56
CA ARG A 123 -7.43 16.95 3.61
C ARG A 123 -6.38 15.97 4.12
N MET A 124 -5.39 16.44 4.89
CA MET A 124 -4.44 15.51 5.51
C MET A 124 -5.16 14.50 6.38
N SER A 125 -6.04 14.99 7.25
CA SER A 125 -6.81 14.14 8.16
CA SER A 125 -6.77 14.10 8.16
C SER A 125 -7.66 13.13 7.40
N TYR A 126 -8.34 13.61 6.36
CA TYR A 126 -9.23 12.74 5.62
C TYR A 126 -8.44 11.66 4.87
N LEU A 127 -7.32 12.03 4.27
CA LEU A 127 -6.50 11.01 3.58
C LEU A 127 -6.02 9.94 4.55
N LEU A 128 -5.52 10.37 5.70
CA LEU A 128 -5.05 9.43 6.75
C LEU A 128 -6.17 8.52 7.27
N TYR A 129 -7.34 9.11 7.52
CA TYR A 129 -8.53 8.34 7.96
C TYR A 129 -8.83 7.20 6.98
N GLN A 130 -8.81 7.53 5.69
CA GLN A 130 -9.08 6.56 4.62
C GLN A 130 -8.03 5.46 4.49
N MET A 131 -6.76 5.83 4.66
CA MET A 131 -5.70 4.83 4.67
C MET A 131 -5.97 3.86 5.83
N LEU A 132 -6.37 4.40 6.99
CA LEU A 132 -6.57 3.56 8.17
C LEU A 132 -7.79 2.62 7.96
N CYS A 133 -8.82 3.14 7.30
CA CYS A 133 -10.00 2.34 6.92
C CYS A 133 -9.60 1.16 6.02
N GLY A 134 -8.83 1.45 4.97
CA GLY A 134 -8.41 0.38 4.04
C GLY A 134 -7.58 -0.67 4.76
N ILE A 135 -6.65 -0.23 5.60
CA ILE A 135 -5.80 -1.12 6.36
C ILE A 135 -6.61 -1.98 7.32
N LYS A 136 -7.55 -1.38 8.01
CA LYS A 136 -8.33 -2.12 8.98
C LYS A 136 -9.19 -3.16 8.23
N HIS A 137 -9.67 -2.79 7.04
CA HIS A 137 -10.48 -3.70 6.25
C HIS A 137 -9.71 -4.96 5.88
N LEU A 138 -8.49 -4.80 5.38
CA LEU A 138 -7.60 -5.92 5.10
C LEU A 138 -7.31 -6.74 6.38
N HIS A 139 -6.99 -6.05 7.47
CA HIS A 139 -6.70 -6.75 8.73
C HIS A 139 -7.89 -7.61 9.19
N SER A 140 -9.11 -7.17 8.92
CA SER A 140 -10.31 -7.95 9.30
C SER A 140 -10.44 -9.29 8.56
N ALA A 141 -9.72 -9.45 7.45
CA ALA A 141 -9.67 -10.71 6.72
C ALA A 141 -8.35 -11.46 6.99
N GLY A 142 -7.61 -11.03 8.01
CA GLY A 142 -6.31 -11.62 8.30
C GLY A 142 -5.19 -11.24 7.35
N ILE A 143 -5.35 -10.13 6.61
CA ILE A 143 -4.34 -9.71 5.67
C ILE A 143 -3.56 -8.55 6.29
N ILE A 144 -2.27 -8.76 6.48
CA ILE A 144 -1.40 -7.72 7.01
C ILE A 144 -0.46 -7.31 5.91
N HIS A 145 -0.41 -6.02 5.59
CA HIS A 145 0.29 -5.53 4.39
C HIS A 145 1.84 -5.55 4.51
N ARG A 146 2.39 -4.84 5.48
CA ARG A 146 3.86 -4.69 5.68
C ARG A 146 4.59 -3.78 4.69
N ASP A 147 3.99 -3.49 3.53
CA ASP A 147 4.68 -2.61 2.60
C ASP A 147 3.84 -1.48 2.01
N LEU A 148 3.03 -0.79 2.83
CA LEU A 148 2.25 0.35 2.35
CA LEU A 148 2.27 0.37 2.37
C LEU A 148 3.20 1.50 2.03
N LYS A 149 2.94 2.17 0.90
CA LYS A 149 3.75 3.30 0.50
CA LYS A 149 3.77 3.28 0.45
C LYS A 149 2.97 4.18 -0.48
N PRO A 150 3.31 5.49 -0.54
CA PRO A 150 2.52 6.42 -1.34
C PRO A 150 2.43 6.13 -2.83
N SER A 151 3.47 5.54 -3.43
CA SER A 151 3.40 5.20 -4.85
C SER A 151 2.35 4.12 -5.14
N ASN A 152 1.96 3.36 -4.12
CA ASN A 152 0.92 2.32 -4.27
C ASN A 152 -0.44 2.69 -3.70
N ILE A 153 -0.67 3.99 -3.64
CA ILE A 153 -1.95 4.54 -3.17
C ILE A 153 -2.37 5.59 -4.18
N VAL A 154 -3.65 5.56 -4.60
CA VAL A 154 -4.15 6.52 -5.59
C VAL A 154 -5.30 7.34 -4.98
N VAL A 155 -5.57 8.48 -5.57
CA VAL A 155 -6.51 9.43 -5.01
C VAL A 155 -7.34 10.07 -6.15
N LYS A 156 -8.64 10.12 -5.94
CA LYS A 156 -9.57 10.74 -6.86
CA LYS A 156 -9.58 10.76 -6.85
C LYS A 156 -9.57 12.27 -6.68
N SER A 157 -10.12 13.01 -7.65
CA SER A 157 -10.23 14.46 -7.56
CA SER A 157 -10.25 14.46 -7.57
C SER A 157 -10.99 14.94 -6.33
N ASP A 158 -11.94 14.13 -5.86
CA ASP A 158 -12.69 14.47 -4.64
C ASP A 158 -12.02 13.99 -3.34
N CYS A 159 -10.75 13.53 -3.42
CA CYS A 159 -9.97 13.12 -2.23
CA CYS A 159 -9.96 13.13 -2.25
C CYS A 159 -10.23 11.68 -1.77
N THR A 160 -11.09 10.94 -2.48
CA THR A 160 -11.29 9.53 -2.15
C THR A 160 -9.97 8.78 -2.41
N LEU A 161 -9.55 8.00 -1.43
CA LEU A 161 -8.23 7.35 -1.45
C LEU A 161 -8.40 5.85 -1.58
N LYS A 162 -7.59 5.22 -2.46
CA LYS A 162 -7.61 3.75 -2.65
C LYS A 162 -6.21 3.13 -2.64
N ILE A 163 -6.03 2.08 -1.85
CA ILE A 163 -4.77 1.35 -1.72
C ILE A 163 -4.70 0.36 -2.90
N LEU A 164 -3.58 0.30 -3.59
CA LEU A 164 -3.49 -0.50 -4.83
C LEU A 164 -2.98 -1.91 -4.66
N ASP A 165 -2.28 -2.19 -3.58
CA ASP A 165 -1.69 -3.53 -3.45
C ASP A 165 -1.86 -4.14 -2.06
N PHE A 166 -1.36 -5.35 -1.88
CA PHE A 166 -1.76 -6.17 -0.74
C PHE A 166 -0.64 -6.71 0.12
N GLY A 167 0.61 -6.34 -0.20
CA GLY A 167 1.64 -6.47 0.83
C GLY A 167 2.94 -7.25 0.70
N LEU A 168 3.99 -6.54 0.27
CA LEU A 168 5.41 -6.97 0.39
C LEU A 168 5.78 -8.10 -0.56
N VAL A 182 14.28 -1.69 -8.34
CA VAL A 182 14.44 -0.47 -7.54
C VAL A 182 13.39 -0.32 -6.42
N VAL A 183 13.30 -1.32 -5.53
CA VAL A 183 12.23 -1.37 -4.50
C VAL A 183 12.41 -0.38 -3.31
N THR A 184 11.30 0.26 -2.96
CA THR A 184 11.24 1.35 -1.98
C THR A 184 11.05 0.77 -0.58
N ARG A 185 12.07 0.89 0.27
CA ARG A 185 12.09 0.32 1.62
C ARG A 185 11.74 1.31 2.74
N TYR A 186 11.58 2.59 2.39
CA TYR A 186 11.57 3.67 3.38
C TYR A 186 10.41 3.61 4.37
N TYR A 187 9.33 2.91 4.02
CA TYR A 187 8.09 2.93 4.84
C TYR A 187 7.94 1.69 5.67
N ARG A 188 8.94 0.80 5.63
CA ARG A 188 8.86 -0.48 6.35
C ARG A 188 9.25 -0.37 7.83
N ALA A 189 8.49 -1.05 8.67
CA ALA A 189 8.64 -0.97 10.12
C ALA A 189 9.94 -1.60 10.59
N PRO A 190 10.42 -1.18 11.77
CA PRO A 190 11.55 -1.85 12.45
C PRO A 190 11.44 -3.40 12.50
N GLU A 191 10.25 -3.94 12.81
CA GLU A 191 9.94 -5.41 12.74
C GLU A 191 10.44 -6.03 11.44
N VAL A 192 10.18 -5.33 10.33
CA VAL A 192 10.56 -5.80 8.99
C VAL A 192 12.06 -5.63 8.76
N ILE A 193 12.58 -4.43 9.03
CA ILE A 193 14.00 -4.12 8.88
C ILE A 193 14.86 -5.12 9.64
N LEU A 194 14.44 -5.46 10.84
CA LEU A 194 15.26 -6.25 11.76
C LEU A 194 14.91 -7.73 11.75
N GLY A 195 13.96 -8.14 10.89
CA GLY A 195 13.58 -9.54 10.77
C GLY A 195 12.89 -10.10 11.97
N MET A 196 12.08 -9.28 12.65
CA MET A 196 11.33 -9.70 13.85
C MET A 196 9.93 -10.31 13.55
N GLY A 197 9.28 -10.86 14.57
CA GLY A 197 7.83 -11.15 14.51
C GLY A 197 7.01 -9.84 14.43
N TYR A 198 5.77 -9.92 13.95
CA TYR A 198 4.96 -8.70 13.80
C TYR A 198 3.48 -9.00 13.98
N LYS A 199 2.72 -7.94 14.20
CA LYS A 199 1.30 -8.04 14.26
C LYS A 199 0.70 -6.95 13.36
N GLU A 200 -0.59 -6.69 13.54
CA GLU A 200 -1.30 -5.81 12.63
C GLU A 200 -0.72 -4.38 12.57
N ASN A 201 -0.26 -3.87 13.72
CA ASN A 201 0.22 -2.48 13.79
C ASN A 201 1.56 -2.24 13.14
N VAL A 202 2.11 -3.27 12.53
CA VAL A 202 3.23 -3.10 11.59
C VAL A 202 2.85 -2.08 10.49
N ASP A 203 1.59 -2.12 10.06
CA ASP A 203 1.10 -1.20 9.01
C ASP A 203 0.96 0.25 9.51
N LEU A 204 0.81 0.41 10.82
CA LEU A 204 0.65 1.75 11.40
CA LEU A 204 0.67 1.76 11.40
C LEU A 204 1.98 2.52 11.38
N TRP A 205 3.09 1.79 11.42
CA TRP A 205 4.40 2.44 11.27
C TRP A 205 4.44 3.11 9.87
N SER A 206 4.03 2.35 8.86
CA SER A 206 4.06 2.87 7.48
C SER A 206 3.14 4.10 7.34
N VAL A 207 1.96 4.03 7.94
CA VAL A 207 1.08 5.19 7.94
C VAL A 207 1.78 6.38 8.62
N GLY A 208 2.44 6.14 9.75
CA GLY A 208 3.24 7.23 10.42
C GLY A 208 4.28 7.84 9.49
N CYS A 209 4.96 6.99 8.69
CA CYS A 209 5.99 7.47 7.76
C CYS A 209 5.38 8.34 6.65
N ILE A 210 4.24 7.91 6.12
CA ILE A 210 3.50 8.70 5.14
C ILE A 210 3.01 10.03 5.74
N MET A 211 2.44 9.97 6.94
CA MET A 211 1.95 11.18 7.62
C MET A 211 3.08 12.18 7.85
N GLY A 212 4.21 11.69 8.34
CA GLY A 212 5.39 12.50 8.63
C GLY A 212 5.87 13.19 7.37
N GLU A 213 5.87 12.45 6.27
CA GLU A 213 6.31 12.96 4.97
C GLU A 213 5.35 14.01 4.41
N MET A 214 4.04 13.78 4.58
CA MET A 214 3.01 14.75 4.21
CA MET A 214 3.00 14.76 4.23
C MET A 214 3.27 16.10 4.89
N VAL A 215 3.63 16.06 6.15
CA VAL A 215 3.92 17.27 6.97
C VAL A 215 5.23 17.97 6.53
N CYS A 216 6.33 17.21 6.43
CA CYS A 216 7.62 17.87 6.25
CA CYS A 216 7.69 17.74 6.24
C CYS A 216 8.11 17.90 4.81
N HIS A 217 7.34 17.31 3.90
CA HIS A 217 7.70 17.26 2.47
C HIS A 217 9.08 16.64 2.25
N LYS A 218 9.39 15.64 3.07
CA LYS A 218 10.62 14.92 2.92
C LYS A 218 10.38 13.47 3.38
N ILE A 219 10.91 12.50 2.64
CA ILE A 219 10.88 11.10 3.12
C ILE A 219 11.53 11.05 4.49
N LEU A 220 10.87 10.44 5.48
CA LEU A 220 11.45 10.42 6.83
C LEU A 220 12.72 9.61 6.99
N PHE A 221 12.74 8.39 6.44
CA PHE A 221 13.88 7.47 6.67
C PHE A 221 14.39 6.98 5.31
N PRO A 222 15.00 7.89 4.51
CA PRO A 222 15.35 7.51 3.13
C PRO A 222 16.69 6.76 3.01
N GLY A 223 16.84 5.60 3.64
CA GLY A 223 18.11 4.88 3.55
C GLY A 223 18.36 4.26 2.17
N ARG A 224 19.62 4.28 1.72
CA ARG A 224 20.03 3.60 0.48
CA ARG A 224 20.05 3.60 0.49
C ARG A 224 19.92 2.08 0.62
N ASP A 225 19.92 1.60 1.85
CA ASP A 225 19.71 0.18 2.14
C ASP A 225 19.21 0.08 3.58
N TYR A 226 19.00 -1.13 4.06
CA TYR A 226 18.49 -1.28 5.44
C TYR A 226 19.41 -0.77 6.52
N ILE A 227 20.73 -0.86 6.32
CA ILE A 227 21.67 -0.33 7.31
C ILE A 227 21.47 1.19 7.49
N ASP A 228 21.42 1.88 6.35
CA ASP A 228 21.27 3.36 6.31
C ASP A 228 19.88 3.72 6.89
N GLN A 229 18.89 2.95 6.52
CA GLN A 229 17.53 3.20 6.99
C GLN A 229 17.43 3.05 8.51
N TRP A 230 17.97 1.97 9.06
CA TRP A 230 17.98 1.81 10.52
C TRP A 230 18.74 2.96 11.17
N ASN A 231 19.86 3.38 10.58
CA ASN A 231 20.63 4.51 11.15
C ASN A 231 19.75 5.78 11.23
N LYS A 232 19.03 6.10 10.16
CA LYS A 232 18.14 7.28 10.15
C LYS A 232 17.02 7.15 11.18
N VAL A 233 16.50 5.93 11.38
CA VAL A 233 15.49 5.72 12.44
C VAL A 233 16.05 6.02 13.84
N ILE A 234 17.20 5.44 14.16
CA ILE A 234 17.71 5.66 15.52
C ILE A 234 18.27 7.08 15.72
N GLU A 235 18.80 7.70 14.68
CA GLU A 235 19.35 9.06 14.79
C GLU A 235 18.23 10.07 15.12
N GLN A 236 17.04 9.80 14.63
CA GLN A 236 15.91 10.73 14.81
C GLN A 236 14.98 10.37 15.95
N LEU A 237 14.62 9.09 16.07
CA LEU A 237 13.73 8.64 17.16
C LEU A 237 14.47 8.23 18.44
N GLY A 238 15.74 7.90 18.32
CA GLY A 238 16.51 7.48 19.48
C GLY A 238 16.75 5.97 19.51
N THR A 239 17.86 5.57 20.11
CA THR A 239 18.11 4.14 20.31
C THR A 239 16.99 3.53 21.14
N PRO A 240 16.45 2.36 20.74
CA PRO A 240 15.38 1.78 21.54
C PRO A 240 15.84 1.29 22.92
N CYS A 241 14.88 1.08 23.81
CA CYS A 241 15.22 0.74 25.20
CA CYS A 241 15.14 0.72 25.20
C CYS A 241 15.65 -0.73 25.35
N PRO A 242 16.34 -1.04 26.48
CA PRO A 242 16.80 -2.42 26.70
C PRO A 242 15.70 -3.45 26.65
N GLU A 243 14.49 -3.09 27.05
CA GLU A 243 13.39 -4.02 26.95
C GLU A 243 13.09 -4.42 25.49
N PHE A 244 13.24 -3.49 24.55
CA PHE A 244 13.08 -3.84 23.15
C PHE A 244 14.27 -4.72 22.69
N MET A 245 15.49 -4.29 23.03
CA MET A 245 16.71 -5.02 22.65
C MET A 245 16.60 -6.48 23.03
N LYS A 246 16.06 -6.74 24.22
CA LYS A 246 15.95 -8.12 24.70
C LYS A 246 15.00 -8.97 23.86
N LYS A 247 14.13 -8.33 23.06
CA LYS A 247 13.20 -9.04 22.20
C LYS A 247 13.84 -9.49 20.89
N LEU A 248 14.99 -8.94 20.55
CA LEU A 248 15.65 -9.27 19.29
C LEU A 248 16.27 -10.67 19.36
N GLN A 249 16.17 -11.44 18.28
CA GLN A 249 16.87 -12.73 18.17
C GLN A 249 18.39 -12.43 18.31
N PRO A 250 19.15 -13.34 18.97
CA PRO A 250 20.55 -13.08 19.31
C PRO A 250 21.44 -12.66 18.11
N THR A 251 21.17 -13.21 16.95
CA THR A 251 21.99 -12.87 15.80
C THR A 251 21.84 -11.43 15.31
N VAL A 252 20.72 -10.77 15.68
CA VAL A 252 20.42 -9.39 15.25
C VAL A 252 20.69 -8.43 16.41
N ARG A 253 20.51 -8.92 17.64
CA ARG A 253 20.65 -8.09 18.84
CA ARG A 253 20.66 -8.08 18.83
C ARG A 253 22.06 -7.50 18.92
N THR A 254 23.08 -8.28 18.50
CA THR A 254 24.45 -7.80 18.59
CA THR A 254 24.46 -7.82 18.58
C THR A 254 24.66 -6.57 17.71
N TYR A 255 24.23 -6.67 16.46
CA TYR A 255 24.31 -5.55 15.53
C TYR A 255 23.63 -4.31 16.12
N VAL A 256 22.41 -4.48 16.60
CA VAL A 256 21.60 -3.33 17.08
C VAL A 256 22.23 -2.67 18.31
N GLU A 257 22.67 -3.49 19.28
CA GLU A 257 23.31 -3.01 20.50
CA GLU A 257 23.33 -3.02 20.50
C GLU A 257 24.71 -2.40 20.25
N ASN A 258 25.36 -2.76 19.14
CA ASN A 258 26.66 -2.19 18.81
C ASN A 258 26.63 -0.85 18.07
N ARG A 259 25.48 -0.46 17.54
CA ARG A 259 25.38 0.87 16.91
C ARG A 259 25.67 1.97 17.93
N PRO A 260 26.15 3.14 17.46
CA PRO A 260 26.28 4.27 18.39
C PRO A 260 24.92 4.58 18.99
N LYS A 261 24.93 5.10 20.20
CA LYS A 261 23.69 5.38 20.91
CA LYS A 261 23.71 5.39 20.94
C LYS A 261 23.21 6.80 20.60
N TYR A 262 21.89 6.94 20.43
CA TYR A 262 21.30 8.25 20.13
C TYR A 262 20.17 8.53 21.08
N ALA A 263 20.06 9.79 21.53
CA ALA A 263 18.96 10.17 22.41
C ALA A 263 17.66 10.34 21.58
N GLY A 264 17.81 10.73 20.31
CA GLY A 264 16.68 11.04 19.45
C GLY A 264 16.12 12.44 19.75
N TYR A 265 15.12 12.87 18.97
CA TYR A 265 14.49 14.18 19.13
C TYR A 265 13.03 14.01 19.58
N SER A 266 12.51 14.91 20.42
CA SER A 266 11.08 14.88 20.74
C SER A 266 10.29 15.14 19.48
N PHE A 267 9.02 14.77 19.49
CA PHE A 267 8.18 15.02 18.31
C PHE A 267 7.93 16.52 18.10
N GLU A 268 8.11 17.32 19.15
CA GLU A 268 8.01 18.80 18.96
C GLU A 268 9.19 19.35 18.16
N LYS A 269 10.37 18.72 18.31
CA LYS A 269 11.56 19.01 17.48
CA LYS A 269 11.52 19.05 17.47
C LYS A 269 11.47 18.41 16.07
N LEU A 270 11.00 17.16 15.97
CA LEU A 270 10.86 16.53 14.66
C LEU A 270 9.81 17.25 13.79
N PHE A 271 8.68 17.63 14.41
CA PHE A 271 7.55 18.19 13.67
C PHE A 271 7.06 19.49 14.31
N PRO A 272 7.90 20.55 14.25
CA PRO A 272 7.48 21.83 14.84
C PRO A 272 6.33 22.48 14.05
N ASP A 273 5.62 23.41 14.68
CA ASP A 273 4.48 24.10 14.08
C ASP A 273 4.77 24.71 12.72
N VAL A 274 5.99 25.20 12.53
CA VAL A 274 6.38 25.83 11.28
C VAL A 274 6.21 24.95 10.02
N LEU A 275 6.13 23.62 10.20
CA LEU A 275 5.97 22.65 9.10
C LEU A 275 4.49 22.46 8.74
N PHE A 276 3.62 22.89 9.63
CA PHE A 276 2.18 22.67 9.45
C PHE A 276 1.53 23.74 8.56
N PRO A 277 0.28 23.52 8.10
CA PRO A 277 -0.34 24.49 7.18
C PRO A 277 -0.27 25.94 7.72
N ALA A 278 0.00 26.86 6.83
CA ALA A 278 0.09 28.27 7.19
C ALA A 278 -1.29 28.78 7.63
N ASP A 279 -1.28 29.76 8.54
CA ASP A 279 -2.52 30.40 9.03
C ASP A 279 -3.62 29.38 9.43
N SER A 280 -3.26 28.39 10.25
CA SER A 280 -4.16 27.32 10.65
CA SER A 280 -4.22 27.36 10.66
C SER A 280 -4.28 27.19 12.17
N GLU A 281 -4.06 28.28 12.90
CA GLU A 281 -4.03 28.19 14.36
C GLU A 281 -5.39 27.95 14.98
N HIS A 282 -6.46 28.31 14.28
CA HIS A 282 -7.80 28.10 14.85
C HIS A 282 -8.69 27.18 14.01
N ASN A 283 -8.08 26.18 13.37
CA ASN A 283 -8.83 25.14 12.64
C ASN A 283 -9.47 24.19 13.64
N LYS A 284 -10.48 23.43 13.18
CA LYS A 284 -11.07 22.40 14.03
CA LYS A 284 -11.10 22.34 13.95
C LYS A 284 -10.03 21.36 14.44
N LEU A 285 -9.12 21.03 13.53
CA LEU A 285 -8.01 20.12 13.88
C LEU A 285 -6.75 20.94 14.10
N LYS A 286 -5.82 20.37 14.91
CA LYS A 286 -4.66 21.07 15.45
CA LYS A 286 -4.66 21.09 15.40
C LYS A 286 -3.34 20.34 15.10
N ALA A 287 -2.27 21.12 14.90
CA ALA A 287 -0.93 20.56 14.74
C ALA A 287 -0.55 19.70 15.94
N SER A 288 -0.96 20.10 17.16
CA SER A 288 -0.64 19.31 18.36
C SER A 288 -1.29 17.93 18.33
N GLN A 289 -2.51 17.83 17.79
CA GLN A 289 -3.16 16.53 17.61
C GLN A 289 -2.43 15.68 16.57
N ALA A 290 -2.07 16.27 15.42
CA ALA A 290 -1.26 15.53 14.43
C ALA A 290 0.06 15.05 15.03
N ARG A 291 0.74 15.93 15.75
CA ARG A 291 1.99 15.57 16.42
C ARG A 291 1.82 14.44 17.44
N ASP A 292 0.72 14.48 18.22
CA ASP A 292 0.40 13.41 19.16
C ASP A 292 0.21 12.04 18.44
N LEU A 293 -0.51 12.08 17.34
CA LEU A 293 -0.76 10.85 16.59
C LEU A 293 0.57 10.33 16.01
N LEU A 294 1.35 11.21 15.41
CA LEU A 294 2.70 10.82 14.91
C LEU A 294 3.58 10.13 15.98
N SER A 295 3.54 10.69 17.18
CA SER A 295 4.28 10.19 18.33
C SER A 295 3.82 8.80 18.80
N LYS A 296 2.62 8.37 18.39
CA LYS A 296 2.08 7.05 18.76
C LYS A 296 2.19 6.01 17.62
N MET A 297 2.37 6.48 16.39
CA MET A 297 2.56 5.57 15.28
CA MET A 297 2.55 5.62 15.23
C MET A 297 4.04 5.31 15.02
N LEU A 298 4.88 6.35 15.12
CA LEU A 298 6.30 6.20 14.86
C LEU A 298 7.02 5.78 16.15
N VAL A 299 6.69 4.58 16.61
CA VAL A 299 7.17 4.03 17.87
C VAL A 299 7.89 2.75 17.47
N ILE A 300 9.17 2.69 17.77
CA ILE A 300 9.99 1.57 17.30
C ILE A 300 9.46 0.23 17.83
N ASP A 301 9.17 0.18 19.14
CA ASP A 301 8.69 -1.05 19.78
C ASP A 301 7.21 -1.24 19.49
N ALA A 302 6.87 -2.21 18.68
CA ALA A 302 5.49 -2.41 18.28
C ALA A 302 4.56 -2.66 19.46
N SER A 303 5.08 -3.18 20.58
CA SER A 303 4.19 -3.42 21.72
C SER A 303 3.77 -2.12 22.43
N LYS A 304 4.44 -1.02 22.09
CA LYS A 304 4.12 0.28 22.63
C LYS A 304 3.47 1.19 21.57
N ARG A 305 3.46 0.76 20.33
CA ARG A 305 2.86 1.51 19.23
C ARG A 305 1.35 1.33 19.34
N ILE A 306 0.60 2.36 18.90
N ILE A 306 0.56 2.33 18.94
CA ILE A 306 -0.88 2.36 18.78
CA ILE A 306 -0.90 2.15 19.03
C ILE A 306 -1.39 1.15 17.94
C ILE A 306 -1.46 1.29 17.86
N SER A 307 -2.69 0.82 18.05
CA SER A 307 -3.37 -0.05 17.06
C SER A 307 -4.16 0.79 16.05
N VAL A 308 -4.57 0.16 14.94
CA VAL A 308 -5.40 0.84 13.93
CA VAL A 308 -5.39 0.84 13.94
C VAL A 308 -6.69 1.38 14.55
N ASP A 309 -7.32 0.58 15.45
CA ASP A 309 -8.58 1.00 16.08
C ASP A 309 -8.40 2.25 16.90
N GLU A 310 -7.32 2.26 17.68
CA GLU A 310 -6.98 3.43 18.47
CA GLU A 310 -6.92 3.41 18.47
C GLU A 310 -6.66 4.62 17.57
N ALA A 311 -6.02 4.40 16.44
CA ALA A 311 -5.75 5.49 15.52
C ALA A 311 -7.07 6.09 14.98
N LEU A 312 -8.02 5.23 14.64
CA LEU A 312 -9.33 5.68 14.12
C LEU A 312 -10.13 6.51 15.14
N GLN A 313 -9.82 6.31 16.41
CA GLN A 313 -10.48 7.04 17.50
CA GLN A 313 -10.45 7.01 17.54
C GLN A 313 -9.72 8.30 17.89
N HIS A 314 -8.53 8.49 17.32
CA HIS A 314 -7.69 9.65 17.65
C HIS A 314 -8.38 10.96 17.22
N PRO A 315 -8.28 12.03 18.05
CA PRO A 315 -8.82 13.36 17.69
C PRO A 315 -8.45 13.91 16.29
N TYR A 316 -7.26 13.59 15.76
CA TYR A 316 -6.90 14.10 14.43
C TYR A 316 -7.69 13.44 13.30
N ILE A 317 -8.19 12.24 13.58
CA ILE A 317 -8.78 11.35 12.58
C ILE A 317 -10.30 11.17 12.74
N ASN A 318 -10.77 11.19 13.99
CA ASN A 318 -12.11 10.68 14.32
C ASN A 318 -13.24 11.57 13.79
N VAL A 319 -12.90 12.78 13.35
CA VAL A 319 -13.89 13.68 12.75
C VAL A 319 -14.69 13.03 11.59
N TRP A 320 -14.04 12.14 10.84
CA TRP A 320 -14.61 11.50 9.64
C TRP A 320 -15.29 10.18 9.93
N TYR A 321 -15.18 9.69 11.14
CA TYR A 321 -15.54 8.30 11.45
C TYR A 321 -16.97 7.91 10.99
N ASP A 322 -17.03 6.88 10.14
CA ASP A 322 -18.30 6.33 9.67
C ASP A 322 -18.19 4.78 9.76
N PRO A 323 -19.06 4.12 10.56
CA PRO A 323 -18.98 2.66 10.72
C PRO A 323 -19.12 1.86 9.44
N SER A 324 -19.81 2.39 8.43
CA SER A 324 -19.88 1.67 7.16
C SER A 324 -18.52 1.57 6.48
N GLU A 325 -17.64 2.55 6.75
CA GLU A 325 -16.25 2.52 6.21
C GLU A 325 -15.26 1.86 7.15
N ALA A 326 -15.39 2.12 8.45
CA ALA A 326 -14.44 1.64 9.45
C ALA A 326 -14.83 0.31 10.12
N GLU A 327 -16.07 -0.13 9.95
CA GLU A 327 -16.52 -1.40 10.54
C GLU A 327 -17.28 -2.20 9.49
N ALA A 328 -16.79 -2.19 8.25
CA ALA A 328 -17.43 -2.91 7.15
C ALA A 328 -17.31 -4.42 7.39
N PRO A 329 -18.26 -5.21 6.83
CA PRO A 329 -18.14 -6.69 6.95
C PRO A 329 -16.81 -7.14 6.31
N PRO A 330 -16.04 -8.03 6.99
CA PRO A 330 -14.78 -8.48 6.40
C PRO A 330 -14.94 -9.08 5.02
N PRO A 331 -13.89 -8.97 4.18
CA PRO A 331 -13.87 -9.69 2.93
C PRO A 331 -13.93 -11.18 3.22
N LYS A 332 -14.58 -11.92 2.33
CA LYS A 332 -14.63 -13.38 2.43
C LYS A 332 -13.64 -13.99 1.46
N ILE A 333 -12.51 -14.48 1.97
CA ILE A 333 -11.52 -15.13 1.14
C ILE A 333 -11.99 -16.57 0.90
N PRO A 334 -12.19 -16.98 -0.37
CA PRO A 334 -12.76 -18.32 -0.63
C PRO A 334 -11.99 -19.42 0.11
N ASP A 335 -12.70 -20.39 0.64
CA ASP A 335 -12.14 -21.39 1.58
C ASP A 335 -10.72 -21.88 1.30
N LYS A 336 -9.85 -21.64 2.28
CA LYS A 336 -8.44 -22.06 2.24
C LYS A 336 -7.63 -21.61 1.02
N GLN A 337 -8.20 -20.74 0.17
CA GLN A 337 -7.51 -20.32 -1.06
C GLN A 337 -6.13 -19.69 -0.80
N LEU A 338 -6.03 -18.85 0.24
CA LEU A 338 -4.76 -18.21 0.61
C LEU A 338 -4.12 -18.78 1.89
N ASP A 339 -3.90 -20.10 1.91
CA ASP A 339 -3.18 -20.77 3.01
C ASP A 339 -1.65 -20.54 2.96
N GLU A 340 -0.90 -21.20 3.86
CA GLU A 340 0.55 -21.00 3.93
C GLU A 340 1.34 -21.85 2.92
N ARG A 341 0.67 -22.81 2.27
CA ARG A 341 1.31 -23.88 1.49
C ARG A 341 2.34 -23.46 0.44
N GLU A 342 3.34 -24.33 0.24
CA GLU A 342 4.35 -24.14 -0.80
C GLU A 342 3.80 -24.71 -2.10
N HIS A 343 4.31 -24.21 -3.22
CA HIS A 343 3.95 -24.74 -4.55
C HIS A 343 5.12 -24.61 -5.49
N THR A 344 5.24 -25.57 -6.42
CA THR A 344 6.23 -25.45 -7.49
CA THR A 344 6.22 -25.46 -7.49
C THR A 344 5.81 -24.32 -8.43
N ILE A 345 6.75 -23.86 -9.26
CA ILE A 345 6.48 -22.85 -10.26
C ILE A 345 5.33 -23.30 -11.20
N GLU A 346 5.37 -24.55 -11.64
CA GLU A 346 4.29 -25.10 -12.48
C GLU A 346 2.96 -25.15 -11.73
N GLU A 347 2.97 -25.49 -10.44
CA GLU A 347 1.76 -25.47 -9.63
C GLU A 347 1.15 -24.05 -9.47
N TRP A 348 2.01 -23.06 -9.22
CA TRP A 348 1.60 -21.66 -9.16
C TRP A 348 1.00 -21.21 -10.49
N LYS A 349 1.67 -21.60 -11.57
CA LYS A 349 1.19 -21.29 -12.91
C LYS A 349 -0.25 -21.81 -13.16
N GLU A 350 -0.52 -23.04 -12.72
CA GLU A 350 -1.85 -23.64 -12.84
C GLU A 350 -2.86 -22.91 -11.96
N LEU A 351 -2.44 -22.52 -10.75
CA LEU A 351 -3.31 -21.82 -9.83
C LEU A 351 -3.73 -20.44 -10.36
N ILE A 352 -2.77 -19.73 -10.94
CA ILE A 352 -3.02 -18.40 -11.49
C ILE A 352 -3.90 -18.51 -12.75
N TYR A 353 -3.54 -19.43 -13.64
CA TYR A 353 -4.39 -19.70 -14.83
C TYR A 353 -5.85 -20.02 -14.44
N LYS A 354 -6.03 -20.88 -13.45
CA LYS A 354 -7.37 -21.22 -12.94
C LYS A 354 -8.11 -19.97 -12.46
N GLU A 355 -7.43 -19.11 -11.70
CA GLU A 355 -8.04 -17.88 -11.21
C GLU A 355 -8.47 -16.95 -12.36
N VAL A 356 -7.64 -16.82 -13.38
CA VAL A 356 -7.98 -16.02 -14.59
C VAL A 356 -9.22 -16.64 -15.29
N MET A 357 -9.21 -17.96 -15.49
CA MET A 357 -10.35 -18.59 -16.16
C MET A 357 -11.62 -18.60 -15.32
N ASP A 358 -11.50 -18.68 -13.99
CA ASP A 358 -12.66 -18.56 -13.09
C ASP A 358 -13.41 -17.23 -13.27
N TRP A 359 -12.69 -16.17 -13.65
CA TRP A 359 -13.34 -14.91 -13.96
C TRP A 359 -14.35 -15.06 -15.11
N ARG A 360 -13.93 -15.71 -16.20
CA ARG A 360 -14.86 -16.02 -17.30
C ARG A 360 -16.00 -16.91 -16.84
N LYS A 361 -15.70 -17.94 -16.05
CA LYS A 361 -16.76 -18.83 -15.56
C LYS A 361 -17.82 -18.14 -14.74
N GLY A 362 -17.45 -17.06 -14.04
CA GLY A 362 -18.44 -16.28 -13.30
C GLY A 362 -19.26 -15.29 -14.13
N ILE A 363 -18.99 -15.17 -15.43
CA ILE A 363 -19.64 -14.19 -16.30
C ILE A 363 -20.45 -14.88 -17.40
N ILE A 364 -19.94 -15.98 -17.94
CA ILE A 364 -20.61 -16.58 -19.10
C ILE A 364 -22.02 -17.06 -18.74
N THR A 365 -22.95 -16.86 -19.68
CA THR A 365 -24.34 -17.19 -19.40
C THR A 365 -25.06 -17.61 -20.67
N ILE A 366 -26.12 -18.41 -20.53
CA ILE A 366 -27.06 -18.60 -21.65
C ILE A 366 -28.36 -17.77 -21.40
N THR A 367 -28.30 -17.01 -20.30
CA THR A 367 -29.15 -15.87 -19.81
C THR A 367 -30.18 -16.27 -18.79
#